data_8PTQ
#
_entry.id   8PTQ
#
_cell.length_a   90.958
_cell.length_b   126.448
_cell.length_c   60.271
_cell.angle_alpha   90
_cell.angle_beta   90
_cell.angle_gamma   90
#
_symmetry.space_group_name_H-M   'C 2 2 21'
#
loop_
_entity.id
_entity.type
_entity.pdbx_description
1 polymer 'Monoglyceride lipase'
2 non-polymer 'methyl 4-[(2~{S},3~{R})-3-(4-fluorophenyl)-1-(1-methanoylpiperidin-4-yl)-4-oxidanylidene-azetidin-2-yl]benzoate'
3 non-polymer 1,2-ETHANEDIOL
4 water water
#
_entity_poly.entity_id   1
_entity_poly.type   'polypeptide(L)'
_entity_poly.pdbx_seq_one_letter_code
;MGSSHHHHHHSSGENLYFQGMPEESSPRRTPQSIPYQDLPHLVNADGQYLFCRYWAPTGTPKALIFVSHGAGEHSGRYEE
LARMLMGLDLLVFAHDHVGHGQSEGERMVVSDFHVFVRDVLQHVDSMQKDYPGLPVFLLGHSMGGAIAILTAAERPGHFA
GMVLISPLVLANPESATTFKVLAAKVLNSVLPNLSSGPIDSSVLSRNKTEVDIYNSDPLICRAGLKVCFGIQLLNAVSRV
ERALPKLTVPFLLLQGSADRLCDSKGAYLLMELAKSQDKTLKIYEGAYHVLHKELPEVTNSVFHEINMWVSQRTATAGTA
SPP
;
_entity_poly.pdbx_strand_id   A
#
loop_
_chem_comp.id
_chem_comp.type
_chem_comp.name
_chem_comp.formula
EDO non-polymer 1,2-ETHANEDIOL 'C2 H6 O2'
EJI non-polymer 'methyl 4-[(2~{S},3~{R})-3-(4-fluorophenyl)-1-(1-methanoylpiperidin-4-yl)-4-oxidanylidene-azetidin-2-yl]benzoate' 'C23 H23 F N2 O4'
#
# COMPACT_ATOMS: atom_id res chain seq x y z
N SER A 26 -24.59 -8.04 -20.05
CA SER A 26 -23.57 -9.06 -19.82
C SER A 26 -22.87 -8.78 -18.49
N PRO A 27 -22.73 -9.81 -17.62
CA PRO A 27 -22.14 -9.55 -16.29
C PRO A 27 -20.74 -9.00 -16.31
N ARG A 28 -20.47 -8.03 -15.43
CA ARG A 28 -19.13 -7.48 -15.27
C ARG A 28 -18.34 -8.54 -14.54
N ARG A 29 -17.15 -8.84 -15.04
CA ARG A 29 -16.32 -9.92 -14.48
C ARG A 29 -14.92 -9.41 -14.20
N THR A 30 -14.23 -10.08 -13.28
CA THR A 30 -12.85 -9.76 -12.97
C THR A 30 -11.99 -10.13 -14.20
N PRO A 31 -10.73 -9.67 -14.27
CA PRO A 31 -9.86 -10.09 -15.39
C PRO A 31 -9.63 -11.62 -15.47
N GLN A 32 -9.96 -12.35 -14.38
CA GLN A 32 -9.90 -13.81 -14.31
C GLN A 32 -11.27 -14.50 -14.67
N SER A 33 -12.29 -13.66 -15.07
CA SER A 33 -13.63 -14.03 -15.54
CA SER A 33 -13.63 -14.00 -15.55
C SER A 33 -14.65 -14.34 -14.46
N ILE A 34 -14.37 -13.99 -13.19
CA ILE A 34 -15.33 -14.25 -12.12
C ILE A 34 -16.32 -13.07 -12.07
N PRO A 35 -17.64 -13.34 -12.07
CA PRO A 35 -18.59 -12.24 -12.01
C PRO A 35 -18.41 -11.45 -10.72
N TYR A 36 -18.40 -10.10 -10.77
CA TYR A 36 -18.33 -9.29 -9.56
C TYR A 36 -19.54 -9.49 -8.67
N GLN A 37 -20.71 -9.94 -9.25
CA GLN A 37 -21.88 -10.13 -8.39
C GLN A 37 -21.68 -11.17 -7.32
N ASP A 38 -20.70 -12.05 -7.47
CA ASP A 38 -20.39 -13.10 -6.49
C ASP A 38 -19.22 -12.73 -5.55
N LEU A 39 -18.73 -11.49 -5.62
CA LEU A 39 -17.57 -11.11 -4.83
C LEU A 39 -17.84 -9.79 -4.16
N PRO A 40 -17.20 -9.54 -3.00
CA PRO A 40 -17.31 -8.19 -2.39
C PRO A 40 -16.64 -7.19 -3.35
N HIS A 41 -17.28 -6.03 -3.59
CA HIS A 41 -16.71 -5.08 -4.53
C HIS A 41 -17.24 -3.70 -4.26
N LEU A 42 -16.69 -2.75 -4.97
CA LEU A 42 -17.19 -1.38 -4.95
C LEU A 42 -17.02 -0.84 -6.39
N VAL A 43 -17.79 0.18 -6.78
CA VAL A 43 -17.60 0.78 -8.09
C VAL A 43 -17.02 2.13 -7.85
N ASN A 44 -15.87 2.43 -8.47
CA ASN A 44 -15.22 3.71 -8.20
C ASN A 44 -15.85 4.88 -9.02
N ALA A 45 -15.31 6.11 -8.84
CA ALA A 45 -15.85 7.28 -9.52
C ALA A 45 -15.79 7.19 -11.03
N ASP A 46 -14.92 6.34 -11.58
CA ASP A 46 -14.81 6.14 -13.02
C ASP A 46 -15.65 4.97 -13.53
N GLY A 47 -16.53 4.41 -12.68
CA GLY A 47 -17.36 3.29 -13.10
C GLY A 47 -16.65 1.96 -13.15
N GLN A 48 -15.45 1.88 -12.57
CA GLN A 48 -14.67 0.64 -12.56
C GLN A 48 -14.92 -0.15 -11.30
N TYR A 49 -15.05 -1.48 -11.42
CA TYR A 49 -15.26 -2.33 -10.28
C TYR A 49 -13.93 -2.64 -9.63
N LEU A 50 -13.88 -2.49 -8.32
CA LEU A 50 -12.70 -2.84 -7.53
C LEU A 50 -13.08 -4.02 -6.65
N PHE A 51 -12.23 -5.04 -6.62
CA PHE A 51 -12.46 -6.19 -5.79
C PHE A 51 -12.09 -5.78 -4.36
N CYS A 52 -12.95 -6.18 -3.38
CA CYS A 52 -12.74 -5.80 -1.97
C CYS A 52 -12.51 -7.01 -1.09
N ARG A 53 -11.80 -6.79 0.04
CA ARG A 53 -11.60 -7.80 1.06
C ARG A 53 -11.86 -7.24 2.43
N TYR A 54 -12.46 -8.06 3.29
CA TYR A 54 -12.77 -7.63 4.67
C TYR A 54 -12.35 -8.72 5.64
N TRP A 55 -11.86 -8.33 6.78
CA TRP A 55 -11.51 -9.25 7.85
C TRP A 55 -12.08 -8.60 9.10
N ALA A 56 -13.28 -9.01 9.47
CA ALA A 56 -14.00 -8.38 10.57
C ALA A 56 -13.88 -9.20 11.83
N PRO A 57 -13.68 -8.56 13.01
CA PRO A 57 -13.65 -9.35 14.25
C PRO A 57 -15.06 -9.85 14.60
N THR A 58 -15.14 -10.81 15.54
CA THR A 58 -16.47 -11.32 15.95
C THR A 58 -17.23 -10.28 16.75
N GLY A 59 -16.53 -9.52 17.60
CA GLY A 59 -17.17 -8.49 18.40
C GLY A 59 -17.18 -7.12 17.75
N THR A 60 -17.57 -6.08 18.53
CA THR A 60 -17.59 -4.70 18.03
C THR A 60 -16.14 -4.25 17.81
N PRO A 61 -15.81 -3.70 16.62
CA PRO A 61 -14.42 -3.29 16.37
C PRO A 61 -14.02 -2.04 17.16
N LYS A 62 -12.75 -1.97 17.51
CA LYS A 62 -12.19 -0.84 18.23
C LYS A 62 -11.66 0.24 17.26
N ALA A 63 -11.32 -0.16 16.01
CA ALA A 63 -10.81 0.75 15.01
C ALA A 63 -10.97 0.11 13.62
N LEU A 64 -10.79 0.92 12.58
CA LEU A 64 -10.81 0.43 11.21
C LEU A 64 -9.38 0.56 10.67
N ILE A 65 -8.98 -0.39 9.80
CA ILE A 65 -7.70 -0.23 9.15
C ILE A 65 -7.78 -0.63 7.70
N PHE A 66 -7.35 0.28 6.82
CA PHE A 66 -7.33 -0.01 5.38
C PHE A 66 -5.92 -0.47 5.01
N VAL A 67 -5.83 -1.56 4.26
CA VAL A 67 -4.57 -2.10 3.77
C VAL A 67 -4.37 -1.73 2.29
N SER A 68 -3.31 -1.02 2.01
CA SER A 68 -3.00 -0.45 0.69
C SER A 68 -1.80 -1.21 0.11
N HIS A 69 -2.05 -2.09 -0.87
CA HIS A 69 -1.00 -2.88 -1.44
C HIS A 69 -0.08 -2.08 -2.40
N GLY A 70 1.02 -2.71 -2.80
CA GLY A 70 2.06 -2.11 -3.63
C GLY A 70 1.88 -2.37 -5.12
N ALA A 71 2.81 -1.84 -5.93
CA ALA A 71 2.68 -1.99 -7.37
C ALA A 71 2.81 -3.44 -7.78
N GLY A 72 1.96 -3.84 -8.69
CA GLY A 72 2.03 -5.19 -9.25
C GLY A 72 1.45 -6.27 -8.39
N GLU A 73 1.12 -5.99 -7.13
CA GLU A 73 0.58 -7.03 -6.27
C GLU A 73 -0.92 -6.80 -6.04
N HIS A 74 -1.51 -7.33 -4.95
CA HIS A 74 -2.94 -7.32 -4.71
C HIS A 74 -3.19 -7.53 -3.21
N SER A 75 -4.45 -7.33 -2.78
CA SER A 75 -4.84 -7.38 -1.37
C SER A 75 -4.72 -8.74 -0.71
N GLY A 76 -4.78 -9.84 -1.48
CA GLY A 76 -4.69 -11.17 -0.89
C GLY A 76 -3.34 -11.46 -0.26
N ARG A 77 -2.30 -10.76 -0.70
CA ARG A 77 -0.96 -10.93 -0.15
C ARG A 77 -0.91 -10.55 1.35
N TYR A 78 -1.92 -9.80 1.85
CA TYR A 78 -1.95 -9.32 3.23
C TYR A 78 -2.82 -10.19 4.14
N GLU A 79 -3.20 -11.40 3.68
CA GLU A 79 -4.05 -12.32 4.44
C GLU A 79 -3.62 -12.51 5.91
N GLU A 80 -2.36 -12.90 6.12
CA GLU A 80 -1.87 -13.16 7.46
C GLU A 80 -1.75 -11.90 8.32
N LEU A 81 -1.26 -10.78 7.78
CA LEU A 81 -1.19 -9.53 8.56
C LEU A 81 -2.61 -9.08 8.96
N ALA A 82 -3.58 -9.21 8.01
CA ALA A 82 -4.96 -8.79 8.25
C ALA A 82 -5.59 -9.66 9.34
N ARG A 83 -5.31 -10.98 9.33
CA ARG A 83 -5.86 -11.87 10.36
C ARG A 83 -5.25 -11.51 11.75
N MET A 84 -3.98 -11.07 11.78
CA MET A 84 -3.34 -10.64 13.02
C MET A 84 -4.05 -9.36 13.52
N LEU A 85 -4.31 -8.38 12.63
CA LEU A 85 -4.99 -7.12 13.01
C LEU A 85 -6.42 -7.37 13.44
N MET A 86 -7.11 -8.29 12.75
CA MET A 86 -8.49 -8.64 13.09
CA MET A 86 -8.49 -8.66 13.07
C MET A 86 -8.56 -9.23 14.51
N GLY A 87 -7.51 -9.97 14.90
CA GLY A 87 -7.39 -10.58 16.23
C GLY A 87 -7.23 -9.56 17.35
N LEU A 88 -6.81 -8.33 17.02
CA LEU A 88 -6.71 -7.20 17.95
C LEU A 88 -8.04 -6.39 17.97
N ASP A 89 -9.15 -6.98 17.48
CA ASP A 89 -10.45 -6.33 17.40
C ASP A 89 -10.49 -5.14 16.44
N LEU A 90 -9.66 -5.17 15.37
CA LEU A 90 -9.76 -4.14 14.35
C LEU A 90 -10.52 -4.73 13.15
N LEU A 91 -11.31 -3.91 12.48
CA LEU A 91 -12.01 -4.34 11.26
C LEU A 91 -11.06 -3.92 10.12
N VAL A 92 -10.47 -4.88 9.44
CA VAL A 92 -9.49 -4.62 8.39
C VAL A 92 -10.20 -4.68 7.06
N PHE A 93 -9.82 -3.79 6.12
CA PHE A 93 -10.46 -3.80 4.81
C PHE A 93 -9.46 -3.37 3.78
N ALA A 94 -9.70 -3.77 2.55
CA ALA A 94 -8.80 -3.50 1.49
C ALA A 94 -9.55 -3.60 0.16
N HIS A 95 -8.92 -3.07 -0.89
CA HIS A 95 -9.36 -3.37 -2.23
C HIS A 95 -8.11 -3.50 -3.11
N ASP A 96 -8.27 -4.16 -4.26
CA ASP A 96 -7.18 -4.20 -5.23
C ASP A 96 -7.27 -2.86 -5.95
N HIS A 97 -6.16 -2.13 -6.01
CA HIS A 97 -6.14 -0.85 -6.70
C HIS A 97 -6.51 -1.07 -8.19
N VAL A 98 -7.02 -0.04 -8.85
CA VAL A 98 -7.33 -0.14 -10.28
CA VAL A 98 -7.29 -0.04 -10.30
C VAL A 98 -6.10 -0.67 -11.07
N GLY A 99 -6.36 -1.55 -12.04
CA GLY A 99 -5.28 -2.15 -12.81
C GLY A 99 -4.50 -3.22 -12.11
N HIS A 100 -5.02 -3.69 -10.94
CA HIS A 100 -4.35 -4.71 -10.14
C HIS A 100 -5.26 -5.81 -9.69
N GLY A 101 -4.67 -7.00 -9.51
CA GLY A 101 -5.35 -8.15 -8.94
C GLY A 101 -6.68 -8.46 -9.60
N GLN A 102 -7.76 -8.52 -8.79
CA GLN A 102 -9.08 -8.86 -9.33
C GLN A 102 -9.94 -7.63 -9.69
N SER A 103 -9.35 -6.42 -9.64
CA SER A 103 -10.07 -5.19 -9.97
C SER A 103 -9.95 -4.94 -11.48
N GLU A 104 -10.89 -4.12 -12.00
CA GLU A 104 -10.87 -3.79 -13.42
C GLU A 104 -9.72 -2.83 -13.75
N GLY A 105 -9.55 -2.58 -15.06
CA GLY A 105 -8.61 -1.64 -15.61
C GLY A 105 -7.50 -2.34 -16.33
N GLU A 106 -6.90 -1.62 -17.31
CA GLU A 106 -5.72 -2.14 -18.00
C GLU A 106 -4.60 -2.36 -16.95
N ARG A 107 -3.91 -3.50 -17.05
CA ARG A 107 -2.93 -3.88 -16.05
C ARG A 107 -1.84 -2.86 -15.84
N MET A 108 -1.68 -2.47 -14.57
CA MET A 108 -0.65 -1.55 -14.14
C MET A 108 -0.59 -0.25 -14.99
N VAL A 109 -1.74 0.37 -15.15
N VAL A 109 -1.79 0.34 -15.17
CA VAL A 109 -1.84 1.70 -15.74
CA VAL A 109 -2.07 1.60 -15.87
C VAL A 109 -2.85 2.47 -14.89
C VAL A 109 -2.93 2.44 -14.93
N VAL A 110 -2.72 3.78 -14.86
CA VAL A 110 -3.60 4.64 -14.09
C VAL A 110 -3.64 5.99 -14.78
N SER A 111 -4.84 6.58 -14.99
CA SER A 111 -4.94 7.87 -15.69
C SER A 111 -4.13 8.97 -14.99
N ASP A 112 -4.18 8.97 -13.66
CA ASP A 112 -3.36 9.84 -12.84
C ASP A 112 -3.24 9.13 -11.49
N PHE A 113 -2.09 9.23 -10.83
CA PHE A 113 -1.89 8.59 -9.53
C PHE A 113 -2.98 8.90 -8.50
N HIS A 114 -3.58 10.12 -8.56
CA HIS A 114 -4.62 10.49 -7.60
C HIS A 114 -5.83 9.56 -7.63
N VAL A 115 -6.08 8.81 -8.73
CA VAL A 115 -7.18 7.83 -8.76
C VAL A 115 -7.03 6.83 -7.59
N PHE A 116 -5.80 6.39 -7.31
CA PHE A 116 -5.59 5.44 -6.19
C PHE A 116 -6.01 6.08 -4.86
N VAL A 117 -5.68 7.36 -4.64
CA VAL A 117 -5.99 8.05 -3.40
C VAL A 117 -7.48 8.26 -3.28
N ARG A 118 -8.10 8.74 -4.37
CA ARG A 118 -9.54 8.97 -4.46
C ARG A 118 -10.31 7.70 -4.11
N ASP A 119 -9.85 6.53 -4.66
CA ASP A 119 -10.54 5.28 -4.44
C ASP A 119 -10.36 4.81 -3.01
N VAL A 120 -9.18 5.01 -2.39
CA VAL A 120 -9.03 4.66 -0.98
C VAL A 120 -10.01 5.53 -0.14
N LEU A 121 -10.11 6.84 -0.45
CA LEU A 121 -11.01 7.69 0.33
C LEU A 121 -12.47 7.28 0.16
N GLN A 122 -12.85 6.77 -1.02
CA GLN A 122 -14.19 6.30 -1.22
C GLN A 122 -14.49 5.13 -0.28
N HIS A 123 -13.56 4.17 -0.24
CA HIS A 123 -13.78 2.99 0.56
C HIS A 123 -13.75 3.36 2.04
N VAL A 124 -12.81 4.22 2.45
CA VAL A 124 -12.74 4.67 3.85
C VAL A 124 -14.05 5.39 4.24
N ASP A 125 -14.53 6.29 3.37
CA ASP A 125 -15.77 7.02 3.67
C ASP A 125 -16.96 6.08 3.79
N SER A 126 -17.00 5.01 2.97
CA SER A 126 -18.09 4.05 3.05
CA SER A 126 -18.09 4.04 3.05
C SER A 126 -18.03 3.31 4.38
N MET A 127 -16.82 2.88 4.80
CA MET A 127 -16.69 2.17 6.08
C MET A 127 -16.99 3.08 7.24
N GLN A 128 -16.58 4.35 7.17
CA GLN A 128 -16.84 5.28 8.28
C GLN A 128 -18.35 5.57 8.45
N LYS A 129 -19.10 5.47 7.36
CA LYS A 129 -20.54 5.67 7.40
C LYS A 129 -21.17 4.53 8.22
N ASP A 130 -20.68 3.30 8.02
CA ASP A 130 -21.18 2.08 8.68
C ASP A 130 -20.66 1.93 10.09
N TYR A 131 -19.50 2.49 10.39
CA TYR A 131 -18.87 2.41 11.71
C TYR A 131 -18.44 3.79 12.15
N PRO A 132 -19.43 4.65 12.44
CA PRO A 132 -19.09 6.01 12.87
C PRO A 132 -18.39 6.03 14.21
N GLY A 133 -17.57 7.04 14.41
CA GLY A 133 -16.85 7.26 15.65
C GLY A 133 -15.52 6.52 15.79
N LEU A 134 -15.32 5.44 15.03
CA LEU A 134 -14.09 4.66 15.16
C LEU A 134 -12.88 5.32 14.52
N PRO A 135 -11.72 5.24 15.18
CA PRO A 135 -10.48 5.73 14.55
C PRO A 135 -10.16 4.90 13.29
N VAL A 136 -9.54 5.52 12.28
CA VAL A 136 -9.17 4.79 11.06
CA VAL A 136 -9.17 4.82 11.05
C VAL A 136 -7.67 4.91 10.81
N PHE A 137 -7.03 3.76 10.58
CA PHE A 137 -5.62 3.67 10.29
C PHE A 137 -5.42 3.26 8.83
N LEU A 138 -4.24 3.57 8.29
CA LEU A 138 -3.82 3.15 6.97
C LEU A 138 -2.58 2.29 7.11
N LEU A 139 -2.46 1.25 6.31
CA LEU A 139 -1.25 0.43 6.31
C LEU A 139 -0.88 0.28 4.85
N GLY A 140 0.33 0.65 4.48
CA GLY A 140 0.73 0.62 3.06
C GLY A 140 2.16 0.13 2.86
N HIS A 141 2.39 -0.63 1.78
CA HIS A 141 3.72 -1.11 1.40
C HIS A 141 4.09 -0.57 0.03
N SER A 142 5.34 -0.08 -0.13
CA SER A 142 5.86 0.40 -1.43
C SER A 142 4.92 1.47 -2.03
N MET A 143 4.39 1.29 -3.25
CA MET A 143 3.41 2.22 -3.83
C MET A 143 2.21 2.45 -2.90
N GLY A 144 1.82 1.41 -2.19
CA GLY A 144 0.70 1.50 -1.25
C GLY A 144 0.95 2.44 -0.10
N GLY A 145 2.22 2.57 0.27
CA GLY A 145 2.64 3.50 1.32
C GLY A 145 2.61 4.91 0.78
N ALA A 146 3.01 5.14 -0.51
CA ALA A 146 2.89 6.47 -1.11
C ALA A 146 1.42 6.88 -1.15
N ILE A 147 0.53 5.94 -1.52
CA ILE A 147 -0.93 6.19 -1.52
C ILE A 147 -1.39 6.53 -0.09
N ALA A 148 -0.94 5.79 0.92
CA ALA A 148 -1.33 6.08 2.31
C ALA A 148 -0.85 7.50 2.73
N ILE A 149 0.40 7.88 2.41
CA ILE A 149 0.92 9.22 2.74
C ILE A 149 0.06 10.30 2.06
N LEU A 150 -0.23 10.14 0.77
CA LEU A 150 -1.04 11.11 0.00
C LEU A 150 -2.47 11.17 0.52
N THR A 151 -3.01 10.05 0.98
CA THR A 151 -4.35 9.99 1.54
C THR A 151 -4.43 10.77 2.87
N ALA A 152 -3.50 10.50 3.82
CA ALA A 152 -3.42 11.22 5.09
C ALA A 152 -3.10 12.70 4.85
N ALA A 153 -2.28 13.05 3.84
CA ALA A 153 -1.96 14.46 3.59
C ALA A 153 -3.17 15.21 3.00
N GLU A 154 -4.04 14.51 2.24
CA GLU A 154 -5.24 15.11 1.68
C GLU A 154 -6.26 15.44 2.78
N ARG A 155 -6.26 14.67 3.89
CA ARG A 155 -7.19 14.90 4.98
C ARG A 155 -6.47 14.99 6.30
N PRO A 156 -5.78 16.13 6.55
CA PRO A 156 -5.04 16.25 7.81
C PRO A 156 -5.93 16.08 9.04
N GLY A 157 -5.47 15.27 9.97
CA GLY A 157 -6.17 14.97 11.22
C GLY A 157 -7.26 13.93 11.13
N HIS A 158 -7.56 13.44 9.93
CA HIS A 158 -8.65 12.48 9.75
C HIS A 158 -8.23 11.06 10.16
N PHE A 159 -6.95 10.72 9.95
CA PHE A 159 -6.49 9.35 10.27
C PHE A 159 -5.76 9.29 11.59
N ALA A 160 -5.99 8.21 12.34
CA ALA A 160 -5.36 8.01 13.64
C ALA A 160 -3.87 7.60 13.54
N GLY A 161 -3.47 7.05 12.39
CA GLY A 161 -2.11 6.60 12.23
C GLY A 161 -1.91 5.86 10.94
N MET A 162 -0.65 5.70 10.56
CA MET A 162 -0.22 5.04 9.34
CA MET A 162 -0.26 4.96 9.35
C MET A 162 0.88 4.04 9.67
N VAL A 163 0.87 2.87 9.07
CA VAL A 163 1.92 1.85 9.20
C VAL A 163 2.50 1.76 7.78
N LEU A 164 3.77 2.13 7.60
CA LEU A 164 4.40 2.13 6.31
C LEU A 164 5.48 1.08 6.25
N ILE A 165 5.42 0.16 5.27
CA ILE A 165 6.41 -0.91 5.10
C ILE A 165 7.14 -0.58 3.80
N SER A 166 8.40 -0.15 3.88
CA SER A 166 9.21 0.24 2.71
CA SER A 166 9.20 0.23 2.70
C SER A 166 8.42 1.07 1.70
N PRO A 167 7.91 2.23 2.16
CA PRO A 167 7.09 3.06 1.26
C PRO A 167 7.93 3.60 0.13
N LEU A 168 7.24 3.85 -0.99
CA LEU A 168 7.86 4.45 -2.17
C LEU A 168 7.86 5.95 -1.94
N VAL A 169 9.05 6.53 -1.67
CA VAL A 169 9.15 7.96 -1.44
C VAL A 169 10.31 8.60 -2.24
N LEU A 170 11.15 7.82 -2.92
CA LEU A 170 12.31 8.34 -3.63
C LEU A 170 12.31 7.94 -5.10
N ALA A 171 12.83 8.78 -5.98
CA ALA A 171 12.94 8.46 -7.39
C ALA A 171 14.38 8.63 -7.83
N ASN A 172 14.95 7.61 -8.46
CA ASN A 172 16.32 7.69 -8.98
C ASN A 172 16.35 8.72 -10.12
N PRO A 173 17.22 9.74 -10.04
CA PRO A 173 17.24 10.78 -11.09
C PRO A 173 17.53 10.30 -12.51
N GLU A 174 18.32 9.22 -12.67
CA GLU A 174 18.63 8.70 -14.01
C GLU A 174 17.40 8.04 -14.63
N SER A 175 16.61 7.32 -13.82
CA SER A 175 15.39 6.68 -14.31
C SER A 175 14.33 7.77 -14.59
N ALA A 176 14.27 8.81 -13.71
CA ALA A 176 13.32 9.92 -13.85
C ALA A 176 13.46 10.68 -15.18
N THR A 177 14.68 11.19 -15.51
CA THR A 177 14.94 11.90 -16.78
C THR A 177 14.66 11.00 -17.99
N THR A 178 15.06 9.70 -17.88
CA THR A 178 14.88 8.68 -18.92
C THR A 178 13.39 8.47 -19.29
N PHE A 179 12.54 8.20 -18.27
CA PHE A 179 11.11 7.96 -18.46
C PHE A 179 10.42 9.18 -19.05
N LYS A 180 10.88 10.41 -18.72
CA LYS A 180 10.27 11.62 -19.27
C LYS A 180 10.51 11.74 -20.78
N VAL A 181 11.72 11.35 -21.24
CA VAL A 181 12.08 11.37 -22.65
C VAL A 181 11.37 10.24 -23.40
N LEU A 182 11.25 9.04 -22.76
CA LEU A 182 10.54 7.91 -23.37
C LEU A 182 9.06 8.22 -23.53
N ALA A 183 8.46 8.95 -22.56
CA ALA A 183 7.07 9.38 -22.65
C ALA A 183 6.89 10.41 -23.78
N ALA A 184 7.92 11.26 -24.03
CA ALA A 184 7.89 12.23 -25.12
C ALA A 184 8.04 11.57 -26.50
N LYS A 185 8.40 10.27 -26.57
CA LYS A 185 8.53 9.55 -27.84
C LYS A 185 7.28 8.73 -28.14
N VAL A 186 6.62 8.19 -27.10
CA VAL A 186 5.40 7.39 -27.31
C VAL A 186 4.17 8.04 -26.67
N GLY A 197 11.36 -3.84 -18.20
CA GLY A 197 11.97 -5.11 -17.86
C GLY A 197 11.61 -5.62 -16.48
N PRO A 198 11.13 -6.89 -16.37
CA PRO A 198 10.73 -7.42 -15.06
C PRO A 198 11.83 -7.45 -13.99
N ILE A 199 11.46 -7.14 -12.74
CA ILE A 199 12.37 -7.15 -11.59
C ILE A 199 12.80 -8.61 -11.29
N ASP A 200 14.05 -8.81 -10.84
CA ASP A 200 14.54 -10.13 -10.45
C ASP A 200 13.89 -10.38 -9.10
N SER A 201 12.96 -11.33 -9.02
CA SER A 201 12.22 -11.61 -7.80
CA SER A 201 12.22 -11.60 -7.80
C SER A 201 13.07 -11.86 -6.54
N SER A 202 14.32 -12.34 -6.71
CA SER A 202 15.19 -12.59 -5.56
C SER A 202 15.50 -11.31 -4.76
N VAL A 203 15.37 -10.09 -5.37
CA VAL A 203 15.63 -8.86 -4.59
C VAL A 203 14.47 -8.51 -3.66
N LEU A 204 13.30 -9.15 -3.81
CA LEU A 204 12.13 -8.83 -3.00
C LEU A 204 12.27 -9.29 -1.57
N SER A 205 12.90 -10.46 -1.37
CA SER A 205 13.00 -11.05 -0.06
C SER A 205 14.11 -12.08 -0.02
N ARG A 206 14.76 -12.19 1.15
CA ARG A 206 15.74 -13.28 1.33
C ARG A 206 15.04 -14.65 1.55
N ASN A 207 13.74 -14.65 1.84
CA ASN A 207 13.02 -15.88 2.11
C ASN A 207 12.67 -16.49 0.74
N LYS A 208 13.41 -17.57 0.38
CA LYS A 208 13.22 -18.20 -0.93
C LYS A 208 11.82 -18.81 -1.15
N THR A 209 11.17 -19.32 -0.08
CA THR A 209 9.84 -19.88 -0.23
C THR A 209 8.85 -18.74 -0.59
N GLU A 210 9.02 -17.58 0.04
CA GLU A 210 8.18 -16.44 -0.28
C GLU A 210 8.42 -15.96 -1.69
N VAL A 211 9.67 -16.01 -2.19
CA VAL A 211 9.92 -15.62 -3.58
C VAL A 211 9.18 -16.63 -4.52
N ASP A 212 9.26 -17.94 -4.20
CA ASP A 212 8.53 -18.95 -4.99
C ASP A 212 7.01 -18.70 -4.99
N ILE A 213 6.46 -18.28 -3.84
CA ILE A 213 5.01 -18.02 -3.76
C ILE A 213 4.66 -16.83 -4.64
N TYR A 214 5.50 -15.77 -4.55
CA TYR A 214 5.29 -14.58 -5.35
C TYR A 214 5.29 -14.89 -6.84
N ASN A 215 6.25 -15.70 -7.26
CA ASN A 215 6.44 -16.07 -8.69
C ASN A 215 5.35 -16.93 -9.25
N SER A 216 4.55 -17.56 -8.37
CA SER A 216 3.47 -18.37 -8.91
C SER A 216 2.07 -17.88 -8.56
N ASP A 217 1.95 -16.64 -8.05
CA ASP A 217 0.64 -16.07 -7.74
C ASP A 217 0.06 -15.45 -9.04
N PRO A 218 -1.04 -16.00 -9.57
CA PRO A 218 -1.58 -15.49 -10.84
C PRO A 218 -2.14 -14.06 -10.76
N LEU A 219 -2.35 -13.54 -9.53
CA LEU A 219 -2.90 -12.18 -9.35
C LEU A 219 -1.82 -11.08 -9.28
N ILE A 220 -0.55 -11.48 -9.30
CA ILE A 220 0.57 -10.56 -9.30
C ILE A 220 0.97 -10.26 -10.75
N CYS A 221 1.25 -9.01 -11.06
CA CYS A 221 1.75 -8.64 -12.37
C CYS A 221 3.23 -8.48 -12.19
N ARG A 222 3.99 -9.42 -12.75
CA ARG A 222 5.45 -9.37 -12.67
C ARG A 222 6.09 -8.78 -13.94
N ALA A 223 5.28 -8.22 -14.86
CA ALA A 223 5.75 -7.61 -16.10
C ALA A 223 6.57 -6.34 -15.79
N GLY A 224 7.37 -5.90 -16.76
CA GLY A 224 8.13 -4.67 -16.61
C GLY A 224 7.22 -3.46 -16.52
N LEU A 225 7.75 -2.35 -16.01
CA LEU A 225 6.99 -1.13 -15.86
C LEU A 225 6.66 -0.46 -17.22
N LYS A 226 5.38 -0.11 -17.44
CA LYS A 226 5.00 0.63 -18.63
C LYS A 226 5.47 2.09 -18.45
N VAL A 227 5.88 2.78 -19.54
CA VAL A 227 6.36 4.16 -19.43
C VAL A 227 5.35 5.08 -18.74
N CYS A 228 4.07 5.00 -19.13
CA CYS A 228 3.01 5.82 -18.55
CA CYS A 228 3.03 5.84 -18.56
C CYS A 228 2.88 5.61 -17.05
N PHE A 229 2.98 4.33 -16.61
CA PHE A 229 2.87 4.03 -15.18
C PHE A 229 4.10 4.49 -14.43
N GLY A 230 5.28 4.41 -15.05
CA GLY A 230 6.52 4.92 -14.47
C GLY A 230 6.41 6.42 -14.22
N ILE A 231 5.77 7.15 -15.18
CA ILE A 231 5.51 8.58 -15.02
C ILE A 231 4.60 8.82 -13.81
N GLN A 232 3.54 8.01 -13.64
CA GLN A 232 2.67 8.14 -12.48
C GLN A 232 3.38 7.84 -11.15
N LEU A 233 4.34 6.89 -11.15
CA LEU A 233 5.12 6.63 -9.92
C LEU A 233 6.05 7.82 -9.62
N LEU A 234 6.59 8.48 -10.68
CA LEU A 234 7.41 9.67 -10.49
C LEU A 234 6.49 10.80 -9.96
N ASN A 235 5.23 10.90 -10.47
CA ASN A 235 4.29 11.91 -9.95
C ASN A 235 4.04 11.65 -8.45
N ALA A 236 3.87 10.36 -8.07
CA ALA A 236 3.62 9.98 -6.68
C ALA A 236 4.76 10.43 -5.79
N VAL A 237 6.01 10.21 -6.22
CA VAL A 237 7.19 10.59 -5.47
C VAL A 237 7.25 12.11 -5.29
N SER A 238 6.98 12.86 -6.37
CA SER A 238 7.00 14.32 -6.31
CA SER A 238 6.99 14.33 -6.32
C SER A 238 5.91 14.84 -5.38
N ARG A 239 4.73 14.23 -5.42
CA ARG A 239 3.64 14.65 -4.57
C ARG A 239 3.90 14.31 -3.12
N VAL A 240 4.57 13.17 -2.85
CA VAL A 240 4.95 12.78 -1.49
C VAL A 240 5.92 13.85 -0.94
N GLU A 241 6.94 14.27 -1.73
CA GLU A 241 7.90 15.31 -1.29
C GLU A 241 7.18 16.58 -0.85
N ARG A 242 6.23 17.04 -1.66
CA ARG A 242 5.47 18.26 -1.38
C ARG A 242 4.51 18.11 -0.19
N ALA A 243 4.06 16.89 0.10
CA ALA A 243 3.13 16.66 1.20
C ALA A 243 3.80 16.58 2.56
N LEU A 244 5.09 16.24 2.62
CA LEU A 244 5.75 16.04 3.92
C LEU A 244 5.65 17.24 4.87
N PRO A 245 5.77 18.52 4.44
CA PRO A 245 5.58 19.64 5.39
C PRO A 245 4.17 19.71 6.02
N LYS A 246 3.20 19.04 5.43
CA LYS A 246 1.83 19.00 5.95
C LYS A 246 1.48 17.64 6.58
N LEU A 247 2.41 16.66 6.58
CA LEU A 247 2.09 15.33 7.05
C LEU A 247 2.30 15.34 8.56
N THR A 248 1.23 15.18 9.30
CA THR A 248 1.22 15.23 10.76
C THR A 248 0.65 13.97 11.39
N VAL A 249 0.17 13.01 10.55
CA VAL A 249 -0.42 11.81 11.08
C VAL A 249 0.67 10.98 11.78
N PRO A 250 0.33 10.31 12.89
CA PRO A 250 1.30 9.41 13.51
C PRO A 250 1.65 8.27 12.57
N PHE A 251 2.91 7.87 12.60
CA PHE A 251 3.30 6.74 11.75
C PHE A 251 4.43 5.92 12.31
N LEU A 252 4.36 4.65 11.94
CA LEU A 252 5.40 3.63 12.16
C LEU A 252 6.00 3.32 10.80
N LEU A 253 7.32 3.40 10.66
CA LEU A 253 7.98 3.18 9.38
C LEU A 253 8.93 2.03 9.53
N LEU A 254 8.76 1.00 8.72
CA LEU A 254 9.58 -0.21 8.77
C LEU A 254 10.34 -0.27 7.47
N GLN A 255 11.68 -0.41 7.53
CA GLN A 255 12.50 -0.37 6.33
C GLN A 255 13.68 -1.32 6.45
N GLY A 256 13.96 -2.03 5.37
CA GLY A 256 15.11 -2.91 5.35
C GLY A 256 16.34 -2.17 4.86
N SER A 257 17.50 -2.47 5.44
CA SER A 257 18.71 -1.76 5.04
C SER A 257 19.20 -2.18 3.67
N ALA A 258 18.81 -3.37 3.18
CA ALA A 258 19.33 -3.85 1.91
C ALA A 258 18.20 -3.90 0.85
N ASP A 259 17.28 -2.96 0.95
CA ASP A 259 16.18 -2.87 -0.01
C ASP A 259 16.68 -2.22 -1.30
N ARG A 260 16.65 -2.96 -2.41
CA ARG A 260 17.09 -2.41 -3.70
C ARG A 260 15.95 -1.72 -4.48
N LEU A 261 14.71 -1.79 -3.98
CA LEU A 261 13.55 -1.20 -4.65
C LEU A 261 13.21 0.16 -4.09
N CYS A 262 13.20 0.27 -2.78
CA CYS A 262 12.99 1.53 -2.09
C CYS A 262 14.19 1.71 -1.20
N ASP A 263 15.16 2.53 -1.68
CA ASP A 263 16.41 2.69 -0.94
C ASP A 263 16.18 3.22 0.48
N SER A 264 16.88 2.64 1.46
CA SER A 264 16.72 3.01 2.88
C SER A 264 16.91 4.50 3.12
N LYS A 265 17.62 5.22 2.23
CA LYS A 265 17.82 6.66 2.35
C LYS A 265 16.47 7.41 2.42
N GLY A 266 15.50 6.93 1.66
CA GLY A 266 14.17 7.51 1.66
C GLY A 266 13.46 7.40 3.00
N ALA A 267 13.68 6.28 3.74
CA ALA A 267 13.03 6.15 5.06
C ALA A 267 13.66 7.15 6.05
N TYR A 268 15.00 7.36 5.98
CA TYR A 268 15.61 8.36 6.88
C TYR A 268 15.10 9.78 6.53
N LEU A 269 14.97 10.08 5.22
CA LEU A 269 14.46 11.39 4.80
C LEU A 269 13.02 11.58 5.23
N LEU A 270 12.20 10.53 5.13
CA LEU A 270 10.80 10.59 5.57
C LEU A 270 10.73 10.88 7.07
N MET A 271 11.58 10.19 7.89
CA MET A 271 11.59 10.51 9.34
C MET A 271 11.95 11.94 9.62
N GLU A 272 12.92 12.50 8.87
CA GLU A 272 13.35 13.87 9.11
C GLU A 272 12.34 14.90 8.64
N LEU A 273 11.78 14.68 7.43
CA LEU A 273 10.98 15.70 6.76
C LEU A 273 9.50 15.71 7.14
N ALA A 274 8.93 14.57 7.59
CA ALA A 274 7.53 14.56 8.02
C ALA A 274 7.39 15.44 9.27
N LYS A 275 6.30 16.19 9.35
CA LYS A 275 6.00 17.09 10.47
CA LYS A 275 6.08 17.07 10.50
C LYS A 275 5.43 16.35 11.69
N SER A 276 5.02 15.09 11.51
CA SER A 276 4.41 14.25 12.54
CA SER A 276 4.40 14.26 12.54
C SER A 276 5.07 14.34 13.90
N GLN A 277 4.27 14.55 14.96
CA GLN A 277 4.78 14.56 16.35
C GLN A 277 5.02 13.11 16.87
N ASP A 278 4.41 12.11 16.24
CA ASP A 278 4.53 10.74 16.65
C ASP A 278 5.07 9.93 15.49
N LYS A 279 6.41 9.76 15.40
CA LYS A 279 7.01 9.04 14.28
C LYS A 279 8.11 8.13 14.80
N THR A 280 8.12 6.90 14.30
CA THR A 280 9.05 5.88 14.77
C THR A 280 9.56 5.11 13.57
N LEU A 281 10.85 4.84 13.54
CA LEU A 281 11.48 4.08 12.47
C LEU A 281 12.14 2.84 13.02
N LYS A 282 11.95 1.74 12.36
CA LYS A 282 12.65 0.52 12.72
C LYS A 282 13.32 0.04 11.46
N ILE A 283 14.65 -0.16 11.55
CA ILE A 283 15.48 -0.64 10.48
C ILE A 283 15.79 -2.10 10.70
N TYR A 284 15.56 -2.89 9.65
CA TYR A 284 15.86 -4.32 9.64
C TYR A 284 17.18 -4.53 8.86
N GLU A 285 18.25 -4.77 9.63
CA GLU A 285 19.59 -4.88 9.10
C GLU A 285 19.74 -6.13 8.21
N GLY A 286 20.09 -5.89 6.95
CA GLY A 286 20.26 -6.93 5.94
C GLY A 286 18.99 -7.32 5.21
N ALA A 287 17.81 -6.87 5.70
CA ALA A 287 16.54 -7.26 5.08
C ALA A 287 16.30 -6.60 3.73
N TYR A 288 15.55 -7.28 2.88
CA TYR A 288 15.21 -6.81 1.57
C TYR A 288 13.90 -5.97 1.57
N HIS A 289 13.12 -5.99 0.50
CA HIS A 289 11.99 -5.09 0.34
C HIS A 289 10.70 -5.51 1.09
N VAL A 290 10.30 -6.75 0.93
CA VAL A 290 9.01 -7.20 1.43
C VAL A 290 9.14 -7.70 2.82
N LEU A 291 9.16 -6.76 3.78
CA LEU A 291 9.48 -7.11 5.16
C LEU A 291 8.47 -8.03 5.80
N HIS A 292 7.21 -7.94 5.40
CA HIS A 292 6.16 -8.81 5.97
C HIS A 292 6.20 -10.23 5.35
N LYS A 293 7.12 -10.47 4.40
CA LYS A 293 7.34 -11.79 3.77
C LYS A 293 8.85 -12.08 3.68
N GLU A 294 9.60 -11.65 4.68
CA GLU A 294 11.06 -11.77 4.75
C GLU A 294 11.44 -13.05 5.54
N LEU A 295 12.71 -13.19 5.99
CA LEU A 295 13.11 -14.33 6.83
C LEU A 295 12.21 -14.36 8.08
N PRO A 296 11.82 -15.55 8.54
CA PRO A 296 10.90 -15.64 9.69
C PRO A 296 11.21 -14.71 10.87
N GLU A 297 12.48 -14.49 11.21
CA GLU A 297 12.85 -13.61 12.32
C GLU A 297 12.44 -12.15 12.05
N VAL A 298 12.50 -11.73 10.78
CA VAL A 298 12.11 -10.37 10.40
C VAL A 298 10.60 -10.31 10.37
N THR A 299 9.93 -11.23 9.64
CA THR A 299 8.48 -11.24 9.55
C THR A 299 7.81 -11.29 10.91
N ASN A 300 8.31 -12.14 11.83
CA ASN A 300 7.73 -12.24 13.16
C ASN A 300 7.88 -10.90 13.91
N SER A 301 9.02 -10.22 13.78
CA SER A 301 9.22 -8.93 14.42
C SER A 301 8.29 -7.86 13.79
N VAL A 302 8.15 -7.85 12.47
CA VAL A 302 7.26 -6.89 11.77
C VAL A 302 5.84 -7.04 12.29
N PHE A 303 5.34 -8.27 12.35
CA PHE A 303 3.98 -8.53 12.84
C PHE A 303 3.84 -8.06 14.29
N HIS A 304 4.82 -8.40 15.15
CA HIS A 304 4.81 -7.96 16.54
C HIS A 304 4.85 -6.44 16.67
N GLU A 305 5.74 -5.74 15.92
CA GLU A 305 5.85 -4.27 16.03
C GLU A 305 4.59 -3.55 15.58
N ILE A 306 3.96 -4.07 14.51
CA ILE A 306 2.72 -3.45 14.04
C ILE A 306 1.62 -3.69 15.09
N ASN A 307 1.60 -4.91 15.66
CA ASN A 307 0.62 -5.25 16.70
C ASN A 307 0.75 -4.26 17.91
N MET A 308 1.96 -4.08 18.42
CA MET A 308 2.20 -3.18 19.54
C MET A 308 1.85 -1.74 19.22
N TRP A 309 2.28 -1.24 18.05
CA TRP A 309 2.06 0.14 17.66
C TRP A 309 0.59 0.43 17.52
N VAL A 310 -0.16 -0.43 16.79
CA VAL A 310 -1.59 -0.23 16.61
C VAL A 310 -2.35 -0.46 17.95
N SER A 311 -1.91 -1.43 18.75
CA SER A 311 -2.54 -1.70 20.05
C SER A 311 -2.39 -0.47 20.99
N GLN A 312 -1.21 0.17 20.99
CA GLN A 312 -0.98 1.34 21.85
C GLN A 312 -1.85 2.54 21.41
N ARG A 313 -2.17 2.63 20.11
CA ARG A 313 -2.93 3.75 19.57
C ARG A 313 -4.45 3.49 19.42
N THR A 314 -4.91 2.32 19.85
CA THR A 314 -6.33 1.94 19.91
C THR A 314 -6.75 1.67 21.39
N ALA A 315 -5.84 1.79 22.35
CA ALA A 315 -6.13 1.59 23.77
C ALA A 315 -6.94 2.77 24.33
C7 EJI B . 9.36 5.11 -11.69
C8 EJI B . 11.36 2.54 -9.69
C9 EJI B . 10.54 2.59 -8.36
C5 EJI B . 10.90 3.45 -10.77
C6 EJI B . 9.75 4.25 -10.64
C4 EJI B . 11.69 3.52 -11.95
C3 EJI B . 11.32 4.36 -13.00
C2 EJI B . 10.16 5.14 -12.86
F1 EJI B . 9.81 5.94 -13.89
O10 EJI B . 10.30 3.43 -7.51
N11 EJI B . 10.20 1.26 -8.52
C12 EJI B . 9.45 0.33 -7.71
C13 EJI B . 9.83 0.51 -6.21
C14 EJI B . 8.98 -0.44 -5.36
N15 EJI B . 7.49 -0.22 -5.61
C16 EJI B . 6.46 -0.52 -4.68
O17 EJI B . 5.28 -0.68 -5.00
C23 EJI B . 7.13 -0.37 -7.06
C24 EJI B . 7.96 0.62 -7.92
C25 EJI B . 10.89 1.05 -9.83
C26 EJI B . 12.00 0.05 -9.74
C27 EJI B . 11.99 -1.04 -10.60
C28 EJI B . 13.00 -1.99 -10.53
C29 EJI B . 14.02 -1.85 -9.58
C30 EJI B . 15.03 -2.95 -9.51
O31 EJI B . 14.97 -4.00 -10.15
O32 EJI B . 16.04 -2.71 -8.61
C33 EJI B . 17.08 -3.69 -8.46
C34 EJI B . 14.03 -0.78 -8.67
C35 EJI B . 13.01 0.18 -8.76
C1 EDO C . 6.40 -5.45 -4.11
O1 EDO C . 6.22 -5.99 -2.80
C2 EDO C . 6.01 -3.98 -4.20
O2 EDO C . 7.14 -3.23 -4.65
C1 EDO D . 11.83 11.54 0.48
O1 EDO D . 11.16 11.23 1.69
C2 EDO D . 11.75 13.02 0.21
O2 EDO D . 12.75 13.37 -0.76
#